data_5POO
#
_entry.id   5POO
#
_cell.length_a   55.826
_cell.length_b   56.433
_cell.length_c   101.619
_cell.angle_alpha   90.000
_cell.angle_beta   90.000
_cell.angle_gamma   90.000
#
_symmetry.space_group_name_H-M   'P 21 21 21'
#
loop_
_entity.id
_entity.type
_entity.pdbx_description
1 polymer 'Bromodomain-containing protein 1'
2 non-polymer 'SODIUM ION'
3 non-polymer 6-(4-acetylpiperazin-1-yl)pyridine-3-carbonitrile
4 non-polymer 1,2-ETHANEDIOL
5 water water
#
_entity_poly.entity_id   1
_entity_poly.type   'polypeptide(L)'
_entity_poly.pdbx_seq_one_letter_code
;MHHHHHHSSGVDLGTENLYFQSMEQVAMELRLTELTRLLRSVLDQLQDKDPARIFAQPVSLKEVPDYLDHIKHPMDFATM
RKRLEAQGYKNLHEFEEDFDLIIDNCMKYNARDTVFYRAAVRLRDQGGVVLRQARREVDSIGLEEASGMHLPERPA
;
_entity_poly.pdbx_strand_id   A,B
#
# COMPACT_ATOMS: atom_id res chain seq x y z
N SER A 22 -0.21 1.43 37.48
CA SER A 22 0.06 2.87 37.62
C SER A 22 -1.12 3.68 37.13
N MET A 23 -1.22 4.92 37.58
CA MET A 23 -2.26 5.81 37.08
CA MET A 23 -2.27 5.83 37.09
C MET A 23 -2.03 6.12 35.61
N GLU A 24 -0.77 6.19 35.20
CA GLU A 24 -0.46 6.52 33.81
C GLU A 24 -1.05 5.45 32.87
N GLN A 25 -0.88 4.19 33.24
CA GLN A 25 -1.36 3.09 32.40
C GLN A 25 -2.87 3.15 32.25
N VAL A 26 -3.56 3.48 33.35
CA VAL A 26 -5.02 3.64 33.32
C VAL A 26 -5.47 4.81 32.45
N ALA A 27 -4.74 5.93 32.54
CA ALA A 27 -4.99 7.09 31.70
C ALA A 27 -4.86 6.71 30.23
N MET A 28 -3.77 6.03 29.90
CA MET A 28 -3.50 5.53 28.55
C MET A 28 -4.64 4.67 28.02
N GLU A 29 -5.08 3.73 28.86
CA GLU A 29 -6.14 2.82 28.47
C GLU A 29 -7.47 3.55 28.29
N LEU A 30 -7.69 4.62 29.05
CA LEU A 30 -8.89 5.43 28.89
C LEU A 30 -8.91 6.09 27.53
N ARG A 31 -7.77 6.67 27.15
CA ARG A 31 -7.65 7.31 25.84
C ARG A 31 -7.85 6.30 24.72
N LEU A 32 -7.17 5.16 24.81
CA LEU A 32 -7.33 4.08 23.84
C LEU A 32 -8.79 3.66 23.74
N THR A 33 -9.44 3.51 24.89
CA THR A 33 -10.86 3.22 24.93
C THR A 33 -11.63 4.33 24.25
N GLU A 34 -11.18 5.56 24.43
CA GLU A 34 -11.86 6.68 23.82
C GLU A 34 -11.63 6.70 22.31
N LEU A 35 -10.40 6.40 21.92
CA LEU A 35 -10.08 6.28 20.50
C LEU A 35 -10.98 5.23 19.88
N THR A 36 -11.09 4.10 20.58
CA THR A 36 -11.90 2.99 20.10
C THR A 36 -13.34 3.43 19.93
N ARG A 37 -13.81 4.28 20.84
CA ARG A 37 -15.19 4.75 20.78
C ARG A 37 -15.38 5.62 19.53
N LEU A 38 -14.41 6.47 19.27
CA LEU A 38 -14.46 7.35 18.10
C LEU A 38 -14.37 6.52 16.80
N LEU A 39 -13.46 5.56 16.76
CA LEU A 39 -13.30 4.74 15.57
C LEU A 39 -14.51 3.82 15.31
N ARG A 40 -15.19 3.40 16.37
CA ARG A 40 -16.41 2.61 16.20
C ARG A 40 -17.46 3.44 15.47
N SER A 41 -17.52 4.73 15.79
CA SER A 41 -18.46 5.63 15.14
C SER A 41 -18.07 5.83 13.66
N VAL A 42 -16.78 6.12 13.43
CA VAL A 42 -16.24 6.18 12.06
C VAL A 42 -16.53 4.91 11.27
N LEU A 43 -16.31 3.74 11.89
CA LEU A 43 -16.53 2.48 11.19
C LEU A 43 -18.00 2.32 10.81
N ASP A 44 -18.90 2.70 11.71
CA ASP A 44 -20.32 2.60 11.39
C ASP A 44 -20.68 3.57 10.26
N GLN A 45 -20.12 4.77 10.29
CA GLN A 45 -20.36 5.74 9.23
C GLN A 45 -19.81 5.29 7.85
N LEU A 46 -18.62 4.70 7.85
CA LEU A 46 -18.05 4.20 6.58
C LEU A 46 -18.87 3.04 6.04
N GLN A 47 -19.27 2.14 6.92
CA GLN A 47 -20.03 0.98 6.47
C GLN A 47 -21.38 1.40 5.86
N ASP A 48 -21.96 2.48 6.35
CA ASP A 48 -23.19 3.00 5.75
C ASP A 48 -23.01 3.44 4.30
N LYS A 49 -21.78 3.71 3.91
CA LYS A 49 -21.50 4.13 2.54
C LYS A 49 -21.28 2.91 1.63
N ASP A 50 -21.55 1.70 2.20
CA ASP A 50 -21.56 0.40 1.49
C ASP A 50 -22.94 -0.25 1.66
N PRO A 51 -23.98 0.39 1.13
CA PRO A 51 -25.30 -0.16 1.38
C PRO A 51 -25.50 -1.56 0.76
N ALA A 52 -24.78 -1.87 -0.33
CA ALA A 52 -24.90 -3.21 -0.93
C ALA A 52 -24.20 -4.32 -0.11
N ARG A 53 -23.49 -3.91 0.94
CA ARG A 53 -22.72 -4.81 1.82
C ARG A 53 -21.71 -5.67 1.07
N ILE A 54 -21.12 -5.07 0.05
CA ILE A 54 -20.09 -5.73 -0.75
C ILE A 54 -18.84 -5.96 0.10
N PHE A 55 -18.62 -5.09 1.09
CA PHE A 55 -17.37 -5.11 1.87
C PHE A 55 -17.58 -5.54 3.32
N ALA A 56 -18.76 -6.05 3.59
CA ALA A 56 -19.12 -6.40 4.96
C ALA A 56 -18.36 -7.57 5.55
N GLN A 57 -18.01 -8.54 4.70
CA GLN A 57 -17.40 -9.82 5.12
C GLN A 57 -16.18 -10.17 4.27
N PRO A 58 -15.27 -11.02 4.77
CA PRO A 58 -14.18 -11.44 3.88
C PRO A 58 -14.65 -12.04 2.59
N VAL A 59 -13.88 -11.81 1.53
CA VAL A 59 -14.11 -12.50 0.24
C VAL A 59 -13.98 -13.98 0.49
N SER A 60 -14.98 -14.73 0.01
CA SER A 60 -15.10 -16.15 0.29
C SER A 60 -14.09 -16.98 -0.51
N LEU A 61 -13.28 -17.76 0.17
CA LEU A 61 -12.28 -18.53 -0.55
C LEU A 61 -12.95 -19.80 -1.10
N LYS A 62 -14.15 -20.10 -0.62
CA LYS A 62 -14.96 -21.14 -1.26
C LYS A 62 -15.45 -20.62 -2.62
N GLU A 63 -16.00 -19.42 -2.64
CA GLU A 63 -16.51 -18.81 -3.87
C GLU A 63 -15.42 -18.25 -4.79
N VAL A 64 -14.35 -17.72 -4.21
CA VAL A 64 -13.27 -17.20 -5.01
C VAL A 64 -11.98 -17.92 -4.63
N PRO A 65 -11.83 -19.18 -5.06
CA PRO A 65 -10.70 -19.96 -4.58
C PRO A 65 -9.32 -19.37 -4.93
N ASP A 66 -9.18 -18.53 -5.95
CA ASP A 66 -7.86 -18.02 -6.31
C ASP A 66 -7.55 -16.65 -5.67
N TYR A 67 -8.41 -16.21 -4.76
CA TYR A 67 -8.32 -14.81 -4.31
C TYR A 67 -6.97 -14.46 -3.67
N LEU A 68 -6.37 -15.39 -2.95
CA LEU A 68 -5.13 -15.09 -2.25
C LEU A 68 -3.92 -15.10 -3.17
N ASP A 69 -4.07 -15.66 -4.37
CA ASP A 69 -3.04 -15.53 -5.38
C ASP A 69 -2.95 -14.12 -5.88
N HIS A 70 -4.05 -13.38 -5.74
CA HIS A 70 -4.14 -12.00 -6.25
C HIS A 70 -3.92 -10.97 -5.15
N ILE A 71 -4.57 -11.19 -4.02
CA ILE A 71 -4.62 -10.21 -2.94
C ILE A 71 -3.90 -10.76 -1.72
N LYS A 72 -2.78 -10.13 -1.36
CA LYS A 72 -1.96 -10.68 -0.26
C LYS A 72 -2.41 -10.25 1.13
N HIS A 73 -3.17 -9.16 1.23
CA HIS A 73 -3.63 -8.74 2.53
C HIS A 73 -5.11 -8.40 2.48
N PRO A 74 -5.95 -9.43 2.53
CA PRO A 74 -7.39 -9.17 2.46
C PRO A 74 -7.89 -8.36 3.64
N MET A 75 -8.96 -7.58 3.40
CA MET A 75 -9.58 -6.84 4.50
C MET A 75 -11.07 -6.67 4.19
N ASP A 76 -11.82 -6.50 5.27
CA ASP A 76 -13.25 -6.28 5.16
C ASP A 76 -13.73 -5.62 6.45
N PHE A 77 -14.98 -5.18 6.44
CA PHE A 77 -15.46 -4.45 7.60
C PHE A 77 -15.60 -5.34 8.84
N ALA A 78 -15.99 -6.60 8.66
CA ALA A 78 -16.15 -7.45 9.83
C ALA A 78 -14.81 -7.68 10.55
N THR A 79 -13.78 -7.91 9.76
CA THR A 79 -12.45 -8.08 10.31
C THR A 79 -11.96 -6.80 10.99
N MET A 80 -12.19 -5.63 10.38
CA MET A 80 -11.86 -4.37 11.05
C MET A 80 -12.56 -4.26 12.40
N ARG A 81 -13.84 -4.65 12.42
CA ARG A 81 -14.61 -4.53 13.63
C ARG A 81 -14.02 -5.42 14.73
N LYS A 82 -13.56 -6.63 14.38
CA LYS A 82 -12.98 -7.52 15.39
C LYS A 82 -11.76 -6.85 16.01
N ARG A 83 -10.92 -6.28 15.17
CA ARG A 83 -9.69 -5.65 15.63
C ARG A 83 -10.03 -4.43 16.48
N LEU A 84 -11.02 -3.69 16.04
CA LEU A 84 -11.48 -2.52 16.77
C LEU A 84 -11.89 -2.84 18.20
N GLU A 85 -12.65 -3.93 18.36
CA GLU A 85 -13.18 -4.25 19.68
C GLU A 85 -12.13 -4.86 20.59
N ALA A 86 -11.07 -5.39 20.00
CA ALA A 86 -9.88 -5.78 20.75
C ALA A 86 -9.00 -4.57 21.08
N GLN A 87 -9.50 -3.37 20.81
CA GLN A 87 -8.70 -2.15 20.90
C GLN A 87 -7.35 -2.31 20.19
N GLY A 88 -7.39 -2.90 18.99
CA GLY A 88 -6.19 -3.17 18.21
C GLY A 88 -5.76 -2.05 17.26
N TYR A 89 -6.50 -0.94 17.23
CA TYR A 89 -6.04 0.22 16.47
C TYR A 89 -5.44 1.25 17.42
N LYS A 90 -4.14 1.43 17.34
CA LYS A 90 -3.45 2.35 18.26
C LYS A 90 -3.64 3.81 17.84
N ASN A 91 -3.86 4.05 16.56
CA ASN A 91 -4.04 5.43 16.08
C ASN A 91 -4.95 5.40 14.87
N LEU A 92 -5.35 6.56 14.36
CA LEU A 92 -6.23 6.64 13.19
C LEU A 92 -5.52 6.12 11.95
N HIS A 93 -4.23 6.39 11.83
CA HIS A 93 -3.48 5.90 10.67
C HIS A 93 -3.62 4.38 10.47
N GLU A 94 -3.51 3.61 11.55
CA GLU A 94 -3.65 2.16 11.43
C GLU A 94 -5.04 1.76 10.92
N PHE A 95 -6.07 2.45 11.39
CA PHE A 95 -7.47 2.22 11.01
C PHE A 95 -7.62 2.57 9.53
N GLU A 96 -7.09 3.72 9.15
CA GLU A 96 -7.15 4.13 7.75
C GLU A 96 -6.44 3.16 6.81
N GLU A 97 -5.30 2.62 7.23
N GLU A 97 -5.32 2.59 7.22
CA GLU A 97 -4.60 1.63 6.43
CA GLU A 97 -4.61 1.66 6.35
C GLU A 97 -5.53 0.47 6.06
C GLU A 97 -5.44 0.39 6.08
N ASP A 98 -6.25 -0.03 7.04
CA ASP A 98 -7.15 -1.18 6.81
C ASP A 98 -8.31 -0.77 5.89
N PHE A 99 -8.85 0.43 6.08
CA PHE A 99 -9.94 0.87 5.21
C PHE A 99 -9.46 0.95 3.78
N ASP A 100 -8.27 1.51 3.64
CA ASP A 100 -7.68 1.62 2.32
C ASP A 100 -7.44 0.25 1.68
N LEU A 101 -7.13 -0.77 2.49
CA LEU A 101 -6.95 -2.12 1.95
C LEU A 101 -8.24 -2.63 1.32
N ILE A 102 -9.37 -2.37 1.99
CA ILE A 102 -10.66 -2.82 1.45
C ILE A 102 -10.86 -2.28 0.02
N ILE A 103 -10.65 -0.97 -0.12
CA ILE A 103 -10.84 -0.25 -1.39
CA ILE A 103 -10.87 -0.29 -1.41
C ILE A 103 -9.84 -0.71 -2.45
N ASP A 104 -8.58 -0.68 -2.03
CA ASP A 104 -7.51 -0.94 -2.97
C ASP A 104 -7.52 -2.39 -3.43
N ASN A 105 -7.81 -3.34 -2.53
CA ASN A 105 -7.89 -4.76 -2.96
C ASN A 105 -8.96 -4.93 -4.04
N CYS A 106 -10.11 -4.31 -3.78
CA CYS A 106 -11.25 -4.43 -4.69
C CYS A 106 -10.97 -3.81 -6.04
N MET A 107 -10.30 -2.67 -6.04
CA MET A 107 -10.04 -2.01 -7.31
C MET A 107 -8.93 -2.71 -8.12
N LYS A 108 -8.22 -3.65 -7.50
CA LYS A 108 -7.28 -4.45 -8.28
CA LYS A 108 -7.26 -4.52 -8.19
C LYS A 108 -7.94 -5.77 -8.73
N TYR A 109 -8.65 -6.45 -7.82
CA TYR A 109 -9.21 -7.76 -8.18
C TYR A 109 -10.29 -7.63 -9.25
N ASN A 110 -11.07 -6.55 -9.18
CA ASN A 110 -12.22 -6.43 -10.07
C ASN A 110 -11.94 -5.39 -11.10
N ALA A 111 -12.44 -5.61 -12.33
CA ALA A 111 -12.24 -4.69 -13.43
C ALA A 111 -13.05 -3.44 -13.23
N ARG A 112 -12.59 -2.38 -13.87
CA ARG A 112 -13.23 -1.08 -13.82
C ARG A 112 -14.74 -1.11 -14.11
N ASP A 113 -15.19 -1.94 -15.06
CA ASP A 113 -16.61 -1.93 -15.38
C ASP A 113 -17.40 -2.99 -14.59
N THR A 114 -17.14 -3.08 -13.29
CA THR A 114 -17.91 -4.02 -12.47
C THR A 114 -18.59 -3.27 -11.36
N VAL A 115 -19.67 -3.88 -10.86
CA VAL A 115 -20.36 -3.28 -9.74
C VAL A 115 -19.47 -3.21 -8.50
N PHE A 116 -18.53 -4.15 -8.40
CA PHE A 116 -17.60 -4.21 -7.28
C PHE A 116 -16.62 -3.05 -7.32
N TYR A 117 -15.97 -2.83 -8.45
CA TYR A 117 -15.04 -1.71 -8.54
C TYR A 117 -15.75 -0.39 -8.30
N ARG A 118 -16.94 -0.26 -8.91
CA ARG A 118 -17.66 1.01 -8.75
C ARG A 118 -18.10 1.23 -7.32
N ALA A 119 -18.42 0.16 -6.59
CA ALA A 119 -18.79 0.32 -5.19
C ALA A 119 -17.61 0.81 -4.36
N ALA A 120 -16.41 0.32 -4.67
CA ALA A 120 -15.21 0.75 -3.96
C ALA A 120 -14.91 2.23 -4.22
N VAL A 121 -15.05 2.67 -5.46
CA VAL A 121 -14.84 4.08 -5.79
C VAL A 121 -15.79 4.98 -5.00
N ARG A 122 -17.06 4.60 -4.97
CA ARG A 122 -18.05 5.37 -4.23
C ARG A 122 -17.77 5.37 -2.73
N LEU A 123 -17.36 4.22 -2.20
CA LEU A 123 -16.97 4.16 -0.79
C LEU A 123 -15.74 5.02 -0.47
N ARG A 124 -14.75 5.00 -1.35
CA ARG A 124 -13.56 5.83 -1.20
CA ARG A 124 -13.58 5.83 -1.15
C ARG A 124 -13.96 7.31 -1.15
N ASP A 125 -14.78 7.71 -2.12
CA ASP A 125 -15.10 9.13 -2.27
C ASP A 125 -15.94 9.63 -1.09
N GLN A 126 -16.96 8.86 -0.74
CA GLN A 126 -17.86 9.26 0.36
C GLN A 126 -17.21 9.09 1.74
N GLY A 127 -16.26 8.17 1.83
CA GLY A 127 -15.59 7.94 3.10
C GLY A 127 -14.59 9.02 3.43
N GLY A 128 -14.05 9.65 2.40
CA GLY A 128 -13.04 10.69 2.59
C GLY A 128 -13.52 11.82 3.46
N VAL A 129 -14.81 12.10 3.37
CA VAL A 129 -15.42 13.15 4.17
C VAL A 129 -15.37 12.80 5.65
N VAL A 130 -15.82 11.59 5.97
CA VAL A 130 -15.84 11.06 7.33
C VAL A 130 -14.44 11.05 7.91
N LEU A 131 -13.49 10.57 7.12
CA LEU A 131 -12.11 10.44 7.57
C LEU A 131 -11.40 11.79 7.72
N ARG A 132 -11.76 12.77 6.89
CA ARG A 132 -11.21 14.11 7.03
C ARG A 132 -11.61 14.70 8.40
N GLN A 133 -12.86 14.48 8.78
CA GLN A 133 -13.38 14.97 10.05
C GLN A 133 -12.73 14.22 11.22
N ALA A 134 -12.64 12.90 11.07
CA ALA A 134 -12.05 12.08 12.11
C ALA A 134 -10.63 12.50 12.43
N ARG A 135 -9.85 12.85 11.40
CA ARG A 135 -8.47 13.26 11.61
C ARG A 135 -8.40 14.56 12.40
N ARG A 136 -9.29 15.49 12.11
CA ARG A 136 -9.33 16.72 12.87
C ARG A 136 -9.72 16.45 14.33
N GLU A 137 -10.70 15.57 14.57
CA GLU A 137 -11.15 15.27 15.94
C GLU A 137 -10.12 14.55 16.78
N VAL A 138 -9.38 13.64 16.14
CA VAL A 138 -8.31 12.91 16.82
C VAL A 138 -7.20 13.87 17.25
N ASP A 139 -6.77 14.72 16.33
CA ASP A 139 -5.79 15.77 16.63
C ASP A 139 -6.30 16.71 17.74
N SER A 140 -7.53 17.18 17.58
CA SER A 140 -8.12 18.15 18.48
C SER A 140 -8.24 17.60 19.91
N ILE A 141 -9.07 16.58 20.08
CA ILE A 141 -9.29 15.97 21.40
C ILE A 141 -8.04 15.24 21.88
N GLY A 142 -7.04 15.14 21.02
CA GLY A 142 -5.74 14.60 21.38
C GLY A 142 -5.75 13.14 21.81
N LEU A 143 -6.25 12.26 20.95
CA LEU A 143 -6.40 10.85 21.32
C LEU A 143 -5.16 10.00 20.99
N GLU A 144 -4.06 10.65 20.63
CA GLU A 144 -2.73 10.04 20.62
C GLU A 144 -1.65 11.05 20.23
N SER B 22 34.03 14.14 12.13
CA SER B 22 33.68 13.25 13.23
C SER B 22 33.40 11.86 12.74
N MET B 23 33.45 10.89 13.63
CA MET B 23 33.10 9.54 13.26
C MET B 23 31.67 9.52 12.75
N GLU B 24 30.80 10.32 13.36
CA GLU B 24 29.39 10.26 13.02
C GLU B 24 29.17 10.72 11.57
N GLN B 25 29.91 11.73 11.11
CA GLN B 25 29.80 12.16 9.72
C GLN B 25 30.28 11.07 8.78
N VAL B 26 31.44 10.50 9.10
CA VAL B 26 32.01 9.45 8.27
C VAL B 26 31.05 8.27 8.19
N ALA B 27 30.47 7.89 9.33
CA ALA B 27 29.58 6.77 9.31
C ALA B 27 28.30 7.03 8.49
N MET B 28 27.80 8.27 8.54
CA MET B 28 26.61 8.60 7.74
C MET B 28 26.91 8.54 6.23
N GLU B 29 28.06 9.05 5.81
CA GLU B 29 28.42 8.99 4.42
C GLU B 29 28.63 7.54 3.98
N LEU B 30 29.20 6.69 4.83
CA LEU B 30 29.31 5.27 4.47
C LEU B 30 27.93 4.58 4.39
N ARG B 31 27.03 4.90 5.31
CA ARG B 31 25.70 4.29 5.23
C ARG B 31 24.97 4.73 3.96
N LEU B 32 25.15 6.01 3.58
CA LEU B 32 24.57 6.51 2.33
C LEU B 32 25.13 5.79 1.12
N THR B 33 26.44 5.59 1.06
CA THR B 33 26.96 5.03 -0.16
C THR B 33 26.66 3.51 -0.23
N GLU B 34 26.61 2.83 0.90
CA GLU B 34 26.29 1.42 0.88
C GLU B 34 24.82 1.18 0.55
N LEU B 35 23.96 2.08 1.02
CA LEU B 35 22.54 1.98 0.63
C LEU B 35 22.39 2.12 -0.89
N THR B 36 23.08 3.10 -1.46
CA THR B 36 22.97 3.31 -2.89
C THR B 36 23.50 2.08 -3.64
N ARG B 37 24.58 1.49 -3.16
CA ARG B 37 25.11 0.28 -3.80
CA ARG B 37 25.13 0.27 -3.78
C ARG B 37 24.08 -0.85 -3.76
N LEU B 38 23.49 -1.05 -2.59
CA LEU B 38 22.44 -2.07 -2.44
C LEU B 38 21.24 -1.79 -3.33
N LEU B 39 20.71 -0.56 -3.29
CA LEU B 39 19.51 -0.28 -4.08
C LEU B 39 19.81 -0.37 -5.59
N ARG B 40 21.00 0.01 -6.03
CA ARG B 40 21.31 -0.16 -7.46
C ARG B 40 21.28 -1.62 -7.87
N SER B 41 21.78 -2.48 -6.99
CA SER B 41 21.77 -3.92 -7.26
C SER B 41 20.33 -4.47 -7.27
N VAL B 42 19.52 -4.00 -6.31
CA VAL B 42 18.14 -4.43 -6.26
C VAL B 42 17.38 -4.00 -7.50
N LEU B 43 17.52 -2.73 -7.88
CA LEU B 43 16.82 -2.24 -9.07
C LEU B 43 17.24 -3.03 -10.31
N ASP B 44 18.54 -3.30 -10.46
N ASP B 44 18.54 -3.32 -10.42
CA ASP B 44 18.97 -4.10 -11.60
CA ASP B 44 19.03 -4.12 -11.53
C ASP B 44 18.35 -5.51 -11.56
C ASP B 44 18.37 -5.50 -11.56
N GLN B 45 18.30 -6.14 -10.39
CA GLN B 45 17.67 -7.46 -10.28
C GLN B 45 16.18 -7.44 -10.61
N LEU B 46 15.50 -6.35 -10.22
CA LEU B 46 14.08 -6.23 -10.56
C LEU B 46 13.89 -6.03 -12.07
N GLN B 47 14.63 -5.08 -12.65
CA GLN B 47 14.48 -4.82 -14.11
C GLN B 47 14.86 -5.98 -14.98
N ASP B 48 15.87 -6.75 -14.56
CA ASP B 48 16.27 -7.91 -15.36
CA ASP B 48 16.29 -7.95 -15.30
C ASP B 48 15.15 -8.95 -15.47
N LYS B 49 14.16 -8.88 -14.57
CA LYS B 49 12.99 -9.78 -14.60
C LYS B 49 11.88 -9.24 -15.49
N ASP B 50 12.13 -8.11 -16.15
CA ASP B 50 11.15 -7.48 -17.06
C ASP B 50 11.78 -7.30 -18.43
N PRO B 51 12.16 -8.41 -19.08
CA PRO B 51 12.82 -8.22 -20.37
C PRO B 51 11.91 -7.67 -21.46
N ALA B 52 10.59 -7.76 -21.32
CA ALA B 52 9.69 -7.18 -22.29
C ALA B 52 9.57 -5.66 -22.12
N ARG B 53 10.20 -5.14 -21.07
CA ARG B 53 10.23 -3.71 -20.79
CA ARG B 53 10.23 -3.70 -20.80
C ARG B 53 8.84 -3.11 -20.57
N ILE B 54 7.93 -3.91 -20.02
CA ILE B 54 6.58 -3.42 -19.72
C ILE B 54 6.58 -2.26 -18.70
N PHE B 55 7.53 -2.32 -17.77
CA PHE B 55 7.60 -1.37 -16.65
C PHE B 55 8.82 -0.47 -16.71
N ALA B 56 9.52 -0.49 -17.83
CA ALA B 56 10.78 0.23 -18.00
C ALA B 56 10.62 1.76 -18.03
N GLN B 57 9.52 2.25 -18.61
CA GLN B 57 9.31 3.67 -18.84
C GLN B 57 7.89 4.04 -18.43
N PRO B 58 7.61 5.34 -18.27
CA PRO B 58 6.23 5.72 -17.96
C PRO B 58 5.24 5.22 -19.01
N VAL B 59 4.04 4.82 -18.57
CA VAL B 59 2.98 4.46 -19.49
C VAL B 59 2.76 5.65 -20.44
N SER B 60 2.66 5.39 -21.74
CA SER B 60 2.47 6.46 -22.72
C SER B 60 1.04 7.00 -22.74
N LEU B 61 0.89 8.30 -22.55
CA LEU B 61 -0.44 8.90 -22.57
C LEU B 61 -0.97 8.92 -24.01
N LYS B 62 -0.06 8.90 -24.97
CA LYS B 62 -0.43 8.81 -26.37
C LYS B 62 -1.04 7.45 -26.66
N GLU B 63 -0.40 6.39 -26.15
CA GLU B 63 -0.91 5.04 -26.37
C GLU B 63 -2.07 4.70 -25.42
N VAL B 64 -2.07 5.28 -24.22
CA VAL B 64 -3.11 5.03 -23.23
C VAL B 64 -3.75 6.33 -22.72
N PRO B 65 -4.62 6.92 -23.54
CA PRO B 65 -5.16 8.26 -23.25
C PRO B 65 -5.89 8.42 -21.91
N ASP B 66 -6.48 7.35 -21.38
CA ASP B 66 -7.26 7.46 -20.14
C ASP B 66 -6.46 7.05 -18.91
N TYR B 67 -5.15 6.86 -19.06
CA TYR B 67 -4.37 6.30 -17.95
C TYR B 67 -4.46 7.15 -16.67
N LEU B 68 -4.31 8.47 -16.82
CA LEU B 68 -4.34 9.34 -15.64
C LEU B 68 -5.75 9.62 -15.11
N ASP B 69 -6.78 9.15 -15.80
CA ASP B 69 -8.14 9.20 -15.26
C ASP B 69 -8.18 8.30 -14.04
N HIS B 70 -7.40 7.23 -14.07
CA HIS B 70 -7.50 6.21 -13.04
C HIS B 70 -6.29 6.10 -12.15
N ILE B 71 -5.11 6.41 -12.69
CA ILE B 71 -3.88 6.23 -11.93
C ILE B 71 -3.37 7.60 -11.48
N LYS B 72 -3.32 7.82 -10.17
CA LYS B 72 -2.97 9.14 -9.65
C LYS B 72 -1.48 9.37 -9.44
N HIS B 73 -0.73 8.29 -9.21
CA HIS B 73 0.74 8.42 -9.10
C HIS B 73 1.47 7.38 -9.94
N PRO B 74 1.69 7.70 -11.22
CA PRO B 74 2.41 6.81 -12.14
C PRO B 74 3.82 6.50 -11.64
N MET B 75 4.30 5.29 -11.92
CA MET B 75 5.67 4.96 -11.60
C MET B 75 6.21 3.92 -12.58
N ASP B 76 7.52 3.87 -12.72
CA ASP B 76 8.20 2.98 -13.66
C ASP B 76 9.66 2.88 -13.28
N PHE B 77 10.38 1.91 -13.85
CA PHE B 77 11.77 1.69 -13.42
C PHE B 77 12.71 2.86 -13.77
N ALA B 78 12.48 3.55 -14.89
CA ALA B 78 13.38 4.66 -15.18
C ALA B 78 13.27 5.80 -14.18
N THR B 79 12.05 6.07 -13.76
CA THR B 79 11.79 7.10 -12.79
C THR B 79 12.39 6.71 -11.41
N MET B 80 12.34 5.42 -11.07
CA MET B 80 13.02 4.94 -9.87
C MET B 80 14.53 5.10 -9.97
N ARG B 81 15.09 4.78 -11.14
CA ARG B 81 16.55 4.89 -11.31
C ARG B 81 17.01 6.35 -11.16
N LYS B 82 16.22 7.28 -11.72
CA LYS B 82 16.47 8.71 -11.58
C LYS B 82 16.51 9.12 -10.10
N ARG B 83 15.51 8.69 -9.34
CA ARG B 83 15.44 9.02 -7.92
C ARG B 83 16.61 8.41 -7.14
N LEU B 84 16.91 7.15 -7.46
CA LEU B 84 18.05 6.47 -6.85
C LEU B 84 19.35 7.21 -7.03
N GLU B 85 19.64 7.53 -8.29
CA GLU B 85 20.95 8.11 -8.61
C GLU B 85 21.05 9.54 -8.10
N ALA B 86 19.90 10.19 -7.87
CA ALA B 86 19.87 11.55 -7.32
C ALA B 86 19.91 11.55 -5.80
N GLN B 87 20.18 10.39 -5.21
CA GLN B 87 20.19 10.27 -3.75
CA GLN B 87 20.13 10.20 -3.75
C GLN B 87 18.81 10.57 -3.13
N GLY B 88 17.73 10.26 -3.84
CA GLY B 88 16.40 10.53 -3.38
C GLY B 88 15.73 9.45 -2.58
N TYR B 89 16.36 8.29 -2.41
CA TYR B 89 15.81 7.29 -1.47
C TYR B 89 16.58 7.35 -0.16
N LYS B 90 15.86 7.62 0.92
CA LYS B 90 16.47 7.75 2.25
C LYS B 90 16.65 6.39 2.93
N ASN B 91 15.85 5.42 2.52
CA ASN B 91 15.93 4.09 3.10
C ASN B 91 15.29 3.07 2.15
N LEU B 92 15.38 1.80 2.50
CA LEU B 92 14.82 0.74 1.64
C LEU B 92 13.32 0.83 1.52
N HIS B 93 12.64 1.23 2.60
CA HIS B 93 11.20 1.34 2.53
C HIS B 93 10.72 2.32 1.46
N GLU B 94 11.40 3.47 1.32
CA GLU B 94 10.97 4.44 0.30
C GLU B 94 11.11 3.84 -1.11
N PHE B 95 12.15 3.06 -1.31
CA PHE B 95 12.35 2.33 -2.56
C PHE B 95 11.23 1.29 -2.78
N GLU B 96 10.95 0.49 -1.74
CA GLU B 96 9.86 -0.49 -1.79
CA GLU B 96 9.86 -0.49 -1.78
C GLU B 96 8.51 0.15 -2.14
N GLU B 97 8.25 1.34 -1.58
CA GLU B 97 7.01 2.01 -1.90
C GLU B 97 6.89 2.37 -3.39
N ASP B 98 7.98 2.76 -4.03
CA ASP B 98 7.87 3.07 -5.46
C ASP B 98 7.71 1.77 -6.28
N PHE B 99 8.39 0.67 -5.88
CA PHE B 99 8.18 -0.61 -6.56
C PHE B 99 6.70 -1.02 -6.41
N ASP B 100 6.14 -0.90 -5.21
CA ASP B 100 4.75 -1.26 -5.05
C ASP B 100 3.82 -0.42 -5.93
N LEU B 101 4.16 0.84 -6.16
CA LEU B 101 3.36 1.68 -7.02
C LEU B 101 3.32 1.09 -8.43
N ILE B 102 4.47 0.64 -8.92
CA ILE B 102 4.53 0.07 -10.28
C ILE B 102 3.54 -1.10 -10.35
N ILE B 103 3.64 -1.99 -9.38
CA ILE B 103 2.82 -3.20 -9.33
C ILE B 103 1.33 -2.87 -9.13
N ASP B 104 1.04 -2.04 -8.13
CA ASP B 104 -0.36 -1.73 -7.79
C ASP B 104 -1.05 -0.96 -8.89
N ASN B 105 -0.36 -0.02 -9.53
CA ASN B 105 -0.94 0.75 -10.64
C ASN B 105 -1.35 -0.17 -11.79
N CYS B 106 -0.51 -1.16 -12.04
CA CYS B 106 -0.74 -2.10 -13.15
C CYS B 106 -1.92 -3.02 -12.82
N MET B 107 -1.97 -3.49 -11.58
CA MET B 107 -3.08 -4.38 -11.14
C MET B 107 -4.41 -3.61 -11.05
N LYS B 108 -4.33 -2.31 -10.78
CA LYS B 108 -5.53 -1.47 -10.76
CA LYS B 108 -5.52 -1.47 -10.77
C LYS B 108 -6.03 -1.14 -12.17
N TYR B 109 -5.11 -0.76 -13.07
CA TYR B 109 -5.53 -0.29 -14.40
C TYR B 109 -6.01 -1.44 -15.30
N ASN B 110 -5.35 -2.59 -15.19
CA ASN B 110 -5.63 -3.74 -16.04
C ASN B 110 -6.53 -4.80 -15.42
N ALA B 111 -7.35 -5.47 -16.25
CA ALA B 111 -8.17 -6.53 -15.69
C ALA B 111 -7.33 -7.77 -15.43
N ARG B 112 -7.77 -8.62 -14.51
CA ARG B 112 -6.99 -9.80 -14.09
C ARG B 112 -6.53 -10.66 -15.25
N ASP B 113 -7.44 -10.88 -16.16
CA ASP B 113 -7.20 -11.77 -17.26
C ASP B 113 -6.57 -11.02 -18.43
N THR B 114 -5.37 -10.45 -18.21
CA THR B 114 -4.60 -9.72 -19.20
C THR B 114 -3.12 -10.03 -19.01
N VAL B 115 -2.34 -9.87 -20.07
CA VAL B 115 -0.91 -10.15 -20.02
C VAL B 115 -0.25 -9.16 -19.06
N PHE B 116 -0.67 -7.89 -19.12
CA PHE B 116 -0.03 -6.89 -18.24
C PHE B 116 -0.30 -7.17 -16.77
N TYR B 117 -1.54 -7.45 -16.39
CA TYR B 117 -1.85 -7.80 -15.00
C TYR B 117 -1.04 -9.01 -14.54
N ARG B 118 -1.01 -10.05 -15.37
CA ARG B 118 -0.25 -11.21 -14.99
C ARG B 118 1.26 -10.89 -14.85
N ALA B 119 1.79 -9.99 -15.69
CA ALA B 119 3.22 -9.60 -15.59
C ALA B 119 3.46 -8.93 -14.24
N ALA B 120 2.51 -8.08 -13.82
CA ALA B 120 2.64 -7.42 -12.49
C ALA B 120 2.61 -8.41 -11.34
N VAL B 121 1.72 -9.38 -11.40
CA VAL B 121 1.66 -10.39 -10.34
C VAL B 121 2.97 -11.23 -10.32
N ARG B 122 3.46 -11.59 -11.51
CA ARG B 122 4.72 -12.31 -11.61
C ARG B 122 5.89 -11.52 -10.99
N LEU B 123 6.01 -10.27 -11.38
CA LEU B 123 7.09 -9.42 -10.91
C LEU B 123 6.96 -9.08 -9.41
N ARG B 124 5.72 -8.91 -8.96
CA ARG B 124 5.48 -8.73 -7.54
C ARG B 124 6.04 -9.90 -6.71
N ASP B 125 5.72 -11.14 -7.11
N ASP B 125 5.77 -11.11 -7.14
CA ASP B 125 6.21 -12.35 -6.40
CA ASP B 125 6.13 -12.25 -6.35
C ASP B 125 7.71 -12.32 -6.39
C ASP B 125 7.65 -12.53 -6.45
N GLN B 126 8.27 -12.22 -7.59
CA GLN B 126 9.72 -12.29 -7.71
C GLN B 126 10.35 -11.16 -6.91
N GLY B 127 9.80 -9.96 -7.04
CA GLY B 127 10.37 -8.82 -6.36
C GLY B 127 10.27 -8.91 -4.85
N GLY B 128 9.22 -9.53 -4.35
CA GLY B 128 9.08 -9.67 -2.91
C GLY B 128 10.25 -10.42 -2.32
N VAL B 129 10.69 -11.46 -3.01
CA VAL B 129 11.81 -12.26 -2.53
C VAL B 129 13.08 -11.41 -2.54
N VAL B 130 13.27 -10.67 -3.62
CA VAL B 130 14.48 -9.82 -3.80
C VAL B 130 14.49 -8.80 -2.69
N LEU B 131 13.33 -8.20 -2.41
CA LEU B 131 13.24 -7.17 -1.38
C LEU B 131 13.37 -7.72 0.05
N ARG B 132 12.89 -8.94 0.28
CA ARG B 132 13.11 -9.53 1.60
C ARG B 132 14.61 -9.78 1.82
N GLN B 133 15.32 -10.17 0.76
CA GLN B 133 16.77 -10.36 0.87
C GLN B 133 17.47 -9.02 1.09
N ALA B 134 16.98 -7.99 0.42
CA ALA B 134 17.56 -6.67 0.62
C ALA B 134 17.37 -6.21 2.07
N ARG B 135 16.26 -6.56 2.69
CA ARG B 135 16.05 -6.19 4.09
C ARG B 135 17.06 -6.92 4.99
N ARG B 136 17.35 -8.19 4.70
CA ARG B 136 18.39 -8.90 5.43
C ARG B 136 19.74 -8.19 5.29
N GLU B 137 20.05 -7.71 4.08
CA GLU B 137 21.31 -7.01 3.85
C GLU B 137 21.35 -5.66 4.58
N VAL B 138 20.23 -4.94 4.60
CA VAL B 138 20.13 -3.70 5.38
C VAL B 138 20.51 -3.97 6.84
N ASP B 139 19.97 -5.06 7.38
CA ASP B 139 20.26 -5.36 8.78
C ASP B 139 21.69 -5.80 8.99
N SER B 140 22.22 -6.62 8.09
CA SER B 140 23.59 -7.12 8.16
C SER B 140 24.63 -6.00 7.99
N ILE B 141 24.38 -5.09 7.06
CA ILE B 141 25.34 -4.00 6.79
C ILE B 141 25.26 -2.89 7.83
N GLY B 142 24.08 -2.74 8.43
CA GLY B 142 23.81 -1.71 9.43
C GLY B 142 23.31 -0.39 8.88
N LEU B 143 22.50 -0.46 7.83
CA LEU B 143 22.12 0.77 7.12
C LEU B 143 21.08 1.61 7.84
N GLU B 144 20.35 1.00 8.78
CA GLU B 144 19.42 1.76 9.62
C GLU B 144 19.85 1.79 11.07
#